data_8V9C
#
_entry.id   8V9C
#
_cell.length_a   107.060
_cell.length_b   107.060
_cell.length_c   243.490
_cell.angle_alpha   90.00
_cell.angle_beta   90.00
_cell.angle_gamma   120.00
#
_symmetry.space_group_name_H-M   'P 61 2 2'
#
loop_
_entity.id
_entity.type
_entity.pdbx_description
1 polymer Integrase
2 non-polymer '(2S)-tert-butoxy[4-(8-fluoro-5-methyl-3,4-dihydro-2H-chromen-6-yl)-2-methyl-1-oxo-1,2-dihydroisoquinolin-3-yl]ethanoic acid'
#
_entity_poly.entity_id   1
_entity_poly.type   'polypeptide(L)'
_entity_poly.pdbx_seq_one_letter_code
;HLDGIDKAQEEHEKAHSNWRAMASDFNLPPVVAKEIVASCDKCQLKGEAMHGQVDCSPGIWQLDCTHLEGKVILVAVHVA
SGYIEAEVIPAETGQETAYFLLKLAGRWPVKTVHTDNGSNFTSTTVKAACWWAGIKQEFGIPYNPQSQGVIESMNKELKK
IIGQVRDQAEHLKTAVQMAVFIHNHKRKGGIGGYSAGERIVDIIATDIQTKELQKQITKIQNFRVYYRDSRDPVWKGPAK
LLWKGEGAVVIQDNSDIKVVPRRKAKIIRDYGKQMAGDDCVASRQDEDCTLEY
;
_entity_poly.pdbx_strand_id   A,B
#
# COMPACT_ATOMS: atom_id res chain seq x y z
N CYS A 56 2.56 -14.46 -8.70
CA CYS A 56 2.57 -14.01 -10.10
C CYS A 56 1.75 -12.73 -10.27
N SER A 57 0.48 -12.76 -9.85
CA SER A 57 -0.37 -11.59 -10.00
C SER A 57 0.13 -10.33 -9.35
N PRO A 58 0.77 -10.41 -8.14
CA PRO A 58 1.29 -9.17 -7.48
C PRO A 58 2.30 -8.49 -8.32
N GLY A 59 2.27 -7.15 -8.36
CA GLY A 59 3.23 -6.38 -9.14
C GLY A 59 2.79 -6.34 -10.59
N ILE A 60 1.63 -6.94 -10.90
CA ILE A 60 1.11 -6.99 -12.27
C ILE A 60 -0.06 -5.99 -12.35
N TRP A 61 -0.01 -5.09 -13.34
CA TRP A 61 -1.04 -4.05 -13.51
C TRP A 61 -1.50 -4.03 -14.98
N GLN A 62 -2.79 -3.73 -15.22
CA GLN A 62 -3.34 -3.68 -16.57
C GLN A 62 -3.88 -2.28 -16.93
N LEU A 63 -3.44 -1.71 -18.08
CA LEU A 63 -3.91 -0.43 -18.55
C LEU A 63 -4.60 -0.68 -19.84
N ASP A 64 -5.79 -0.08 -20.12
CA ASP A 64 -6.52 -0.30 -21.34
C ASP A 64 -7.05 0.96 -21.94
N CYS A 65 -7.13 1.02 -23.26
CA CYS A 65 -7.55 2.23 -23.98
C CYS A 65 -9.00 2.47 -23.57
N THR A 66 -9.34 3.74 -23.32
CA THR A 66 -10.69 4.13 -22.92
C THR A 66 -11.24 5.07 -23.98
N HIS A 67 -12.47 4.83 -24.42
CA HIS A 67 -13.12 5.74 -25.40
C HIS A 67 -14.14 6.45 -24.53
N LEU A 68 -14.06 7.76 -24.49
CA LEU A 68 -15.00 8.52 -23.61
C LEU A 68 -15.37 9.87 -24.22
N GLU A 69 -16.48 10.41 -23.77
CA GLU A 69 -16.97 11.70 -24.26
C GLU A 69 -15.86 12.69 -23.99
N GLY A 70 -15.67 13.62 -24.95
CA GLY A 70 -14.68 14.67 -24.77
C GLY A 70 -13.24 14.18 -24.71
N LYS A 71 -12.53 14.59 -23.68
CA LYS A 71 -11.06 14.33 -23.51
C LYS A 71 -10.78 12.85 -23.26
N VAL A 72 -9.50 12.32 -23.56
CA VAL A 72 -9.18 10.93 -23.44
C VAL A 72 -8.32 10.69 -22.23
N ILE A 73 -8.70 9.66 -21.47
CA ILE A 73 -8.03 9.32 -20.20
C ILE A 73 -7.77 7.84 -20.23
N LEU A 74 -6.76 7.34 -19.51
CA LEU A 74 -6.48 5.88 -19.45
C LEU A 74 -6.40 5.50 -17.97
N VAL A 75 -6.81 4.27 -17.62
CA VAL A 75 -6.90 3.83 -16.27
C VAL A 75 -6.02 2.65 -15.88
N ALA A 76 -5.26 2.74 -14.82
CA ALA A 76 -4.41 1.67 -14.32
C ALA A 76 -5.24 0.54 -13.65
N VAL A 77 -4.81 -0.71 -13.77
CA VAL A 77 -5.47 -1.79 -13.03
C VAL A 77 -4.44 -2.62 -12.30
N HIS A 78 -4.56 -2.99 -11.04
CA HIS A 78 -3.65 -3.95 -10.40
C HIS A 78 -4.68 -5.08 -10.29
N VAL A 79 -4.44 -6.23 -10.91
CA VAL A 79 -5.51 -7.20 -10.98
C VAL A 79 -6.03 -7.76 -9.70
N ALA A 80 -5.17 -8.05 -8.65
CA ALA A 80 -5.71 -8.60 -7.46
C ALA A 80 -6.53 -7.58 -6.65
N SER A 81 -6.00 -6.35 -6.53
CA SER A 81 -6.76 -5.28 -5.90
C SER A 81 -7.92 -4.76 -6.79
N GLY A 82 -7.57 -4.70 -8.06
CA GLY A 82 -8.49 -4.11 -8.98
C GLY A 82 -8.28 -2.62 -8.84
N TYR A 83 -7.22 -2.17 -8.11
CA TYR A 83 -6.95 -0.74 -7.85
C TYR A 83 -6.65 0.00 -9.12
N ILE A 84 -7.11 1.26 -9.22
CA ILE A 84 -6.93 2.06 -10.42
C ILE A 84 -6.37 3.41 -10.08
N GLU A 85 -5.41 3.90 -10.92
CA GLU A 85 -4.91 5.28 -10.83
C GLU A 85 -4.93 5.87 -12.26
N ALA A 86 -6.13 6.16 -12.78
CA ALA A 86 -6.34 6.72 -14.14
C ALA A 86 -5.97 8.19 -14.15
N GLU A 87 -5.61 8.70 -15.33
CA GLU A 87 -5.29 10.13 -15.51
C GLU A 87 -5.96 10.59 -16.77
N VAL A 88 -6.24 11.92 -16.90
CA VAL A 88 -6.91 12.37 -18.05
C VAL A 88 -6.04 13.22 -18.90
N ILE A 89 -5.94 12.84 -20.17
CA ILE A 89 -5.04 13.52 -21.08
C ILE A 89 -5.74 14.25 -22.19
N PRO A 90 -5.39 15.51 -22.44
CA PRO A 90 -6.05 16.25 -23.47
C PRO A 90 -5.65 15.55 -24.80
N ALA A 91 -4.38 15.05 -24.92
CA ALA A 91 -3.85 14.47 -26.16
C ALA A 91 -3.51 13.11 -25.91
N GLU A 92 -3.88 12.20 -26.82
CA GLU A 92 -3.61 10.78 -26.61
C GLU A 92 -2.52 10.25 -27.48
N THR A 93 -1.42 9.79 -26.87
CA THR A 93 -0.34 9.12 -27.58
C THR A 93 0.13 8.10 -26.52
N GLY A 94 0.80 6.98 -26.92
CA GLY A 94 1.27 6.07 -25.91
C GLY A 94 2.22 6.92 -25.10
N GLN A 95 2.93 7.83 -25.77
CA GLN A 95 3.89 8.74 -25.13
C GLN A 95 3.30 9.54 -24.01
N GLU A 96 2.15 10.17 -24.32
CA GLU A 96 1.54 11.02 -23.34
C GLU A 96 1.26 10.07 -22.21
N THR A 97 0.83 8.84 -22.57
CA THR A 97 0.47 7.80 -21.62
C THR A 97 1.67 7.57 -20.73
N ALA A 98 2.86 7.63 -21.30
CA ALA A 98 4.04 7.28 -20.56
C ALA A 98 4.28 8.16 -19.32
N TYR A 99 4.02 9.47 -19.42
CA TYR A 99 4.36 10.35 -18.30
C TYR A 99 3.65 9.94 -17.07
N PHE A 100 2.38 9.59 -17.22
CA PHE A 100 1.58 9.12 -16.09
C PHE A 100 2.10 7.76 -15.65
N LEU A 101 2.46 6.89 -16.60
CA LEU A 101 2.92 5.55 -16.28
C LEU A 101 4.12 5.59 -15.45
N LEU A 102 4.96 6.58 -15.76
CA LEU A 102 6.19 6.74 -15.05
C LEU A 102 5.76 7.06 -13.62
N LYS A 103 4.73 7.88 -13.51
CA LYS A 103 4.27 8.21 -12.16
C LYS A 103 3.71 6.92 -11.57
N LEU A 104 3.10 6.10 -12.41
CA LEU A 104 2.39 4.92 -11.93
C LEU A 104 3.29 3.90 -11.29
N ALA A 105 4.49 3.71 -11.86
CA ALA A 105 5.36 2.68 -11.35
C ALA A 105 5.85 2.99 -9.96
N GLY A 106 6.11 4.28 -9.70
CA GLY A 106 6.67 4.64 -8.41
C GLY A 106 5.71 4.25 -7.29
N ARG A 107 4.43 4.57 -7.43
CA ARG A 107 3.46 4.19 -6.40
C ARG A 107 3.41 2.68 -6.30
N TRP A 108 3.43 1.96 -7.45
CA TRP A 108 3.53 0.55 -7.42
C TRP A 108 4.61 0.01 -8.39
N PRO A 109 5.55 -0.77 -7.87
CA PRO A 109 6.55 -1.20 -8.84
C PRO A 109 5.62 -2.12 -9.65
N VAL A 110 5.68 -2.11 -10.97
CA VAL A 110 4.87 -3.07 -11.72
C VAL A 110 5.89 -3.88 -12.52
N LYS A 111 5.84 -5.22 -12.46
CA LYS A 111 6.75 -6.03 -13.27
C LYS A 111 6.37 -6.00 -14.78
N THR A 112 5.14 -6.13 -15.12
CA THR A 112 4.75 -6.22 -16.53
C THR A 112 3.34 -5.70 -16.75
N VAL A 113 2.97 -5.34 -17.96
CA VAL A 113 1.60 -4.94 -18.30
C VAL A 113 1.16 -5.62 -19.63
N HIS A 114 -0.06 -6.06 -19.73
CA HIS A 114 -0.57 -6.71 -20.99
C HIS A 114 -1.51 -5.68 -21.63
N THR A 115 -1.31 -5.43 -22.93
CA THR A 115 -2.06 -4.41 -23.66
C THR A 115 -2.92 -4.99 -24.73
N ASP A 116 -4.18 -4.47 -24.83
CA ASP A 116 -5.10 -4.90 -25.86
C ASP A 116 -4.50 -4.46 -27.19
N ASN A 117 -3.98 -3.22 -27.27
CA ASN A 117 -3.49 -2.69 -28.52
C ASN A 117 -1.98 -2.56 -28.61
N GLY A 118 -1.40 -3.11 -29.67
CA GLY A 118 -0.01 -2.99 -29.92
C GLY A 118 0.34 -1.52 -30.14
N SER A 119 -0.50 -0.83 -30.87
CA SER A 119 -0.18 0.55 -31.29
C SER A 119 0.13 1.48 -30.15
N ASN A 120 -0.73 1.57 -29.08
CA ASN A 120 -0.33 2.38 -27.99
C ASN A 120 1.00 1.87 -27.49
N PHE A 121 1.18 0.53 -27.42
CA PHE A 121 2.45 -0.08 -26.97
C PHE A 121 3.60 0.17 -27.95
N THR A 122 3.31 0.13 -29.24
CA THR A 122 4.35 0.26 -30.29
C THR A 122 5.18 1.51 -30.23
N SER A 123 4.62 2.64 -29.74
CA SER A 123 5.38 3.89 -29.80
C SER A 123 6.63 3.74 -28.97
N THR A 124 7.75 4.23 -29.52
CA THR A 124 9.05 4.06 -28.90
C THR A 124 9.11 4.53 -27.52
N THR A 125 8.50 5.69 -27.30
CA THR A 125 8.58 6.32 -26.02
C THR A 125 7.96 5.33 -25.03
N VAL A 126 6.87 4.67 -25.40
CA VAL A 126 6.18 3.77 -24.49
C VAL A 126 7.07 2.65 -24.02
N LYS A 127 7.80 2.03 -24.96
CA LYS A 127 8.75 1.04 -24.63
C LYS A 127 9.81 1.73 -23.74
N ALA A 128 10.09 3.01 -24.02
CA ALA A 128 11.14 3.78 -23.35
C ALA A 128 10.80 3.83 -21.87
N ALA A 129 9.50 3.95 -21.62
CA ALA A 129 9.06 3.96 -20.28
C ALA A 129 9.32 2.59 -19.69
N CYS A 130 9.03 1.54 -20.46
CA CYS A 130 9.13 0.18 -19.93
C CYS A 130 10.51 -0.07 -19.40
N TRP A 131 11.53 0.44 -20.11
CA TRP A 131 12.90 0.17 -19.74
C TRP A 131 13.35 0.94 -18.53
N TRP A 132 12.90 2.20 -18.39
CA TRP A 132 13.38 2.96 -17.24
C TRP A 132 12.88 2.19 -16.06
N ALA A 133 11.64 1.71 -16.20
CA ALA A 133 10.99 0.88 -15.20
C ALA A 133 11.69 -0.44 -15.10
N GLY A 134 12.17 -0.92 -16.26
CA GLY A 134 12.72 -2.24 -16.29
C GLY A 134 11.44 -3.08 -16.45
N ILE A 135 10.35 -2.37 -16.70
CA ILE A 135 9.06 -3.06 -16.92
C ILE A 135 9.23 -3.78 -18.24
N LYS A 136 8.69 -5.00 -18.32
CA LYS A 136 8.71 -5.76 -19.56
C LYS A 136 7.26 -5.86 -19.94
N GLN A 137 6.93 -5.47 -21.18
CA GLN A 137 5.53 -5.46 -21.55
C GLN A 137 5.09 -6.89 -21.55
N GLU A 138 3.90 -7.18 -21.00
CA GLU A 138 3.36 -8.51 -20.97
C GLU A 138 2.63 -8.67 -22.31
N PHE A 139 3.41 -8.80 -23.40
CA PHE A 139 2.88 -8.93 -24.75
C PHE A 139 1.50 -8.30 -24.87
N GLN A 146 -11.61 -13.75 -20.24
CA GLN A 146 -12.58 -13.45 -19.19
C GLN A 146 -12.01 -12.44 -18.19
N SER A 147 -10.70 -12.57 -17.87
CA SER A 147 -10.03 -11.66 -16.93
C SER A 147 -9.95 -10.28 -17.55
N GLN A 148 -9.67 -10.22 -18.86
CA GLN A 148 -9.61 -8.97 -19.60
C GLN A 148 -11.02 -8.37 -19.64
N GLY A 149 -12.03 -9.25 -19.73
CA GLY A 149 -13.42 -8.84 -19.75
C GLY A 149 -13.80 -8.28 -18.40
N VAL A 150 -13.16 -8.78 -17.34
CA VAL A 150 -13.39 -8.32 -15.97
C VAL A 150 -12.76 -6.94 -15.85
N ILE A 151 -11.56 -6.76 -16.44
CA ILE A 151 -10.88 -5.47 -16.41
C ILE A 151 -11.78 -4.54 -17.20
N GLU A 152 -12.32 -5.10 -18.29
CA GLU A 152 -13.19 -4.33 -19.08
C GLU A 152 -14.40 -3.95 -18.20
N SER A 153 -14.95 -4.97 -17.55
CA SER A 153 -16.12 -4.78 -16.71
C SER A 153 -15.78 -3.70 -15.72
N MET A 154 -14.54 -3.68 -15.26
CA MET A 154 -14.11 -2.69 -14.31
C MET A 154 -14.21 -1.37 -14.98
N ASN A 155 -13.68 -1.30 -16.20
CA ASN A 155 -13.76 -0.04 -16.95
C ASN A 155 -15.22 0.33 -17.08
N LYS A 156 -16.00 -0.67 -17.35
CA LYS A 156 -17.47 -0.41 -17.49
C LYS A 156 -18.01 0.12 -16.22
N GLU A 157 -17.61 -0.51 -15.14
CA GLU A 157 -18.12 -0.14 -13.85
C GLU A 157 -17.70 1.28 -13.65
N LEU A 158 -16.47 1.56 -14.09
CA LEU A 158 -15.94 2.86 -13.88
C LEU A 158 -16.80 3.85 -14.59
N LYS A 159 -17.13 3.53 -15.75
CA LYS A 159 -17.89 4.47 -16.60
C LYS A 159 -19.17 4.79 -15.92
N LYS A 160 -19.84 3.78 -15.36
CA LYS A 160 -21.12 3.92 -14.71
C LYS A 160 -20.93 4.82 -13.53
N ILE A 161 -19.84 4.58 -12.82
CA ILE A 161 -19.60 5.28 -11.59
C ILE A 161 -19.47 6.76 -11.91
N ILE A 162 -18.72 7.05 -12.96
CA ILE A 162 -18.48 8.43 -13.28
C ILE A 162 -19.86 9.07 -13.48
N GLY A 163 -20.73 8.36 -14.22
CA GLY A 163 -22.01 8.90 -14.55
C GLY A 163 -22.80 9.26 -13.32
N GLN A 164 -22.74 8.39 -12.32
CA GLN A 164 -23.58 8.64 -11.15
C GLN A 164 -23.23 9.97 -10.57
N VAL A 165 -21.95 10.29 -10.52
CA VAL A 165 -21.49 11.54 -9.97
C VAL A 165 -21.34 12.65 -10.96
N ARG A 166 -21.61 12.36 -12.28
CA ARG A 166 -21.35 13.31 -13.29
C ARG A 166 -21.98 14.66 -13.04
N ASP A 167 -23.23 14.62 -12.55
CA ASP A 167 -23.99 15.85 -12.37
C ASP A 167 -23.26 16.76 -11.45
N GLN A 168 -22.61 16.19 -10.43
CA GLN A 168 -21.98 17.00 -9.44
C GLN A 168 -20.91 17.90 -10.01
N ALA A 169 -20.14 17.42 -11.01
CA ALA A 169 -18.99 18.17 -11.53
C ALA A 169 -19.03 18.64 -12.94
N GLU A 170 -18.66 19.90 -13.14
CA GLU A 170 -18.61 20.52 -14.43
C GLU A 170 -17.64 19.81 -15.33
N HIS A 171 -16.51 19.41 -14.75
CA HIS A 171 -15.41 18.84 -15.52
C HIS A 171 -15.39 17.34 -15.47
N LEU A 172 -15.28 16.68 -16.64
CA LEU A 172 -15.35 15.23 -16.73
C LEU A 172 -14.25 14.60 -15.91
N LYS A 173 -13.08 15.24 -15.97
CA LYS A 173 -11.93 14.72 -15.27
C LYS A 173 -12.24 14.63 -13.80
N THR A 174 -12.89 15.68 -13.27
CA THR A 174 -13.11 15.70 -11.86
C THR A 174 -13.86 14.43 -11.56
N ALA A 175 -14.89 14.17 -12.37
CA ALA A 175 -15.73 13.03 -12.12
C ALA A 175 -14.99 11.75 -12.13
N VAL A 176 -14.04 11.65 -13.06
CA VAL A 176 -13.39 10.38 -13.20
C VAL A 176 -12.61 10.06 -11.96
N GLN A 177 -11.94 11.02 -11.39
CA GLN A 177 -11.12 10.78 -10.23
C GLN A 177 -12.03 10.35 -9.15
N MET A 178 -13.19 11.00 -9.09
CA MET A 178 -14.12 10.69 -8.03
C MET A 178 -14.50 9.27 -8.27
N ALA A 179 -14.65 8.95 -9.55
CA ALA A 179 -15.08 7.62 -9.90
C ALA A 179 -13.97 6.73 -9.38
N VAL A 180 -12.74 7.17 -9.55
CA VAL A 180 -11.61 6.35 -9.14
C VAL A 180 -11.75 6.14 -7.65
N PHE A 181 -12.15 7.24 -6.96
CA PHE A 181 -12.25 7.16 -5.53
C PHE A 181 -13.24 6.13 -5.15
N ILE A 182 -14.35 6.06 -5.87
CA ILE A 182 -15.39 5.12 -5.47
C ILE A 182 -14.94 3.69 -5.54
N HIS A 183 -14.25 3.33 -6.63
CA HIS A 183 -13.86 1.97 -6.76
C HIS A 183 -12.94 1.75 -5.60
N ASN A 184 -12.11 2.77 -5.39
CA ASN A 184 -11.17 2.75 -4.29
C ASN A 184 -11.97 2.81 -3.01
N HIS A 185 -11.39 2.30 -1.90
CA HIS A 185 -12.03 2.39 -0.61
C HIS A 185 -13.51 2.12 -0.75
N LYS A 186 -13.85 1.11 -1.57
CA LYS A 186 -15.27 0.73 -1.68
C LYS A 186 -15.44 -0.54 -0.89
N ARG A 187 -16.29 -0.49 0.15
CA ARG A 187 -16.56 -1.65 1.00
C ARG A 187 -17.22 -2.71 0.14
N LYS A 188 -16.98 -4.00 0.44
CA LYS A 188 -17.60 -5.10 -0.33
C LYS A 188 -17.14 -6.41 0.30
N TYR A 194 -14.24 -8.10 3.65
CA TYR A 194 -13.31 -8.41 2.57
C TYR A 194 -13.66 -7.59 1.37
N SER A 195 -12.90 -6.51 1.15
CA SER A 195 -13.22 -5.57 0.07
C SER A 195 -12.02 -5.05 -0.77
N ALA A 196 -12.29 -4.70 -2.03
CA ALA A 196 -11.28 -4.13 -2.94
C ALA A 196 -10.71 -2.84 -2.34
N GLY A 197 -11.57 -2.07 -1.68
CA GLY A 197 -11.19 -0.74 -1.18
C GLY A 197 -10.04 -0.79 -0.24
N GLU A 198 -9.99 -1.78 0.64
CA GLU A 198 -8.91 -1.92 1.58
C GLU A 198 -7.70 -2.01 0.69
N ARG A 199 -7.86 -2.61 -0.51
CA ARG A 199 -6.78 -2.67 -1.53
C ARG A 199 -5.71 -3.72 -1.31
N ILE A 200 -4.66 -3.68 -2.16
CA ILE A 200 -3.58 -4.66 -2.15
C ILE A 200 -2.48 -4.28 -1.23
N VAL A 201 -2.68 -3.28 -0.43
CA VAL A 201 -1.60 -2.78 0.39
C VAL A 201 -1.24 -3.94 1.23
N ASP A 202 -2.27 -4.70 1.72
CA ASP A 202 -1.89 -5.81 2.56
C ASP A 202 -1.09 -6.73 1.69
N ILE A 203 -1.48 -6.86 0.43
CA ILE A 203 -0.81 -7.80 -0.45
C ILE A 203 0.60 -7.34 -0.66
N ILE A 204 0.81 -6.03 -0.81
CA ILE A 204 2.15 -5.51 -1.09
C ILE A 204 3.04 -5.80 0.10
N ALA A 205 2.48 -5.64 1.31
CA ALA A 205 3.23 -5.82 2.53
C ALA A 205 3.64 -7.24 2.62
N THR A 206 2.72 -8.15 2.30
CA THR A 206 2.99 -9.56 2.43
C THR A 206 4.14 -9.80 1.45
N ASP A 207 4.07 -9.14 0.29
CA ASP A 207 5.14 -9.29 -0.69
C ASP A 207 6.43 -8.75 -0.12
N ILE A 208 6.36 -7.60 0.55
CA ILE A 208 7.58 -6.99 1.05
C ILE A 208 8.23 -7.96 2.00
N GLN A 209 7.33 -8.62 2.80
CA GLN A 209 7.76 -9.62 3.73
C GLN A 209 8.26 -10.81 2.94
N THR A 210 7.59 -11.11 1.82
CA THR A 210 7.87 -12.33 1.09
C THR A 210 9.26 -12.44 0.53
N LYS A 211 9.77 -11.36 -0.05
CA LYS A 211 11.08 -11.46 -0.67
C LYS A 211 12.14 -11.85 0.32
N GLU A 212 12.06 -11.31 1.54
CA GLU A 212 13.09 -11.55 2.55
C GLU A 212 13.10 -12.99 3.00
N LEU A 213 11.90 -13.56 3.09
CA LEU A 213 11.77 -14.95 3.47
C LEU A 213 12.35 -15.76 2.32
N GLN A 214 12.03 -15.36 1.09
CA GLN A 214 12.47 -16.12 -0.05
C GLN A 214 13.97 -16.03 -0.07
N LYS A 215 14.49 -14.91 0.43
CA LYS A 215 15.93 -14.71 0.50
C LYS A 215 16.53 -15.57 1.59
N GLN A 216 15.90 -15.62 2.76
CA GLN A 216 16.46 -16.36 3.87
C GLN A 216 16.45 -17.84 3.56
N ILE A 217 15.36 -18.29 2.92
CA ILE A 217 15.23 -19.69 2.55
C ILE A 217 16.24 -19.95 1.48
N THR A 218 16.43 -18.97 0.60
CA THR A 218 17.36 -19.11 -0.50
C THR A 218 18.75 -19.20 0.10
N LYS A 219 18.94 -18.54 1.24
CA LYS A 219 20.23 -18.56 1.94
C LYS A 219 20.40 -19.96 2.49
N ILE A 220 19.33 -20.47 3.14
CA ILE A 220 19.37 -21.82 3.71
C ILE A 220 19.62 -22.78 2.57
N GLN A 221 19.02 -22.48 1.40
CA GLN A 221 19.16 -23.31 0.23
C GLN A 221 20.59 -23.23 -0.28
N ASN A 222 21.20 -22.03 -0.15
CA ASN A 222 22.53 -21.81 -0.66
C ASN A 222 23.55 -22.68 0.05
N PHE A 223 23.45 -22.74 1.39
CA PHE A 223 24.41 -23.50 2.20
C PHE A 223 24.29 -25.00 1.96
N ARG A 224 25.41 -25.76 2.05
CA ARG A 224 25.38 -27.22 1.93
C ARG A 224 25.93 -27.75 3.27
N VAL A 225 25.22 -28.71 3.92
CA VAL A 225 25.57 -29.22 5.26
C VAL A 225 25.93 -30.69 5.20
N TYR A 226 27.05 -31.08 5.85
CA TYR A 226 27.56 -32.46 5.75
C TYR A 226 27.49 -33.15 7.10
N TYR A 227 26.65 -34.22 7.18
CA TYR A 227 26.39 -34.95 8.42
C TYR A 227 26.76 -36.40 8.29
N ARG A 228 27.11 -37.06 9.42
CA ARG A 228 27.47 -38.48 9.41
C ARG A 228 26.35 -39.20 10.15
N ASP A 229 25.77 -40.25 9.55
CA ASP A 229 24.64 -40.92 10.21
C ASP A 229 25.27 -41.42 11.49
N SER A 230 24.55 -41.31 12.61
CA SER A 230 25.16 -41.70 13.88
C SER A 230 25.43 -43.18 13.77
N ARG A 231 26.61 -43.62 14.23
CA ARG A 231 26.98 -45.02 14.17
C ARG A 231 27.40 -45.39 12.76
N ASP A 232 27.57 -44.39 11.90
CA ASP A 232 28.09 -44.70 10.59
C ASP A 232 29.37 -43.91 10.29
N PRO A 233 30.47 -44.63 9.96
CA PRO A 233 31.73 -43.95 9.67
C PRO A 233 31.42 -43.24 8.34
N VAL A 234 30.65 -43.89 7.44
CA VAL A 234 30.36 -43.34 6.11
C VAL A 234 29.67 -42.00 6.36
N TRP A 235 30.06 -40.96 5.62
CA TRP A 235 29.57 -39.60 5.87
C TRP A 235 28.50 -39.23 4.86
N LYS A 236 27.35 -38.75 5.36
CA LYS A 236 26.19 -38.42 4.51
C LYS A 236 26.44 -37.20 3.63
N GLY A 237 25.97 -37.27 2.37
CA GLY A 237 26.14 -36.23 1.34
C GLY A 237 25.53 -34.94 1.85
N PRO A 238 25.95 -33.75 1.36
CA PRO A 238 25.31 -32.51 1.86
C PRO A 238 23.86 -32.55 1.62
N ALA A 239 23.08 -31.93 2.51
CA ALA A 239 21.61 -31.99 2.43
C ALA A 239 21.03 -30.62 2.74
N LYS A 240 19.90 -30.26 2.10
CA LYS A 240 19.30 -28.94 2.30
C LYS A 240 18.96 -28.87 3.77
N LEU A 241 19.29 -27.80 4.49
CA LEU A 241 19.05 -27.80 5.92
C LEU A 241 17.75 -27.06 6.18
N LEU A 242 16.84 -27.71 6.90
CA LEU A 242 15.58 -27.10 7.26
C LEU A 242 15.74 -26.08 8.41
N TRP A 243 16.57 -26.40 9.41
CA TRP A 243 16.72 -25.52 10.57
C TRP A 243 18.08 -25.62 11.22
N LYS A 244 18.53 -24.55 11.92
CA LYS A 244 19.78 -24.61 12.64
C LYS A 244 19.50 -24.51 14.14
N GLY A 245 20.04 -25.45 14.95
CA GLY A 245 19.90 -25.43 16.41
C GLY A 245 21.29 -25.68 17.00
N GLU A 246 21.63 -25.08 18.15
CA GLU A 246 22.99 -25.25 18.64
C GLU A 246 23.15 -26.70 19.05
N GLY A 247 22.11 -27.29 19.63
CA GLY A 247 22.14 -28.71 19.94
C GLY A 247 22.00 -29.56 18.66
N ALA A 248 21.07 -29.19 17.75
CA ALA A 248 20.81 -29.96 16.53
C ALA A 248 20.28 -29.11 15.38
N VAL A 249 20.55 -29.51 14.14
CA VAL A 249 20.13 -28.76 12.92
C VAL A 249 19.29 -29.74 12.09
N VAL A 250 18.23 -29.25 11.43
CA VAL A 250 17.30 -30.12 10.68
C VAL A 250 17.60 -29.98 9.19
N ILE A 251 17.68 -31.10 8.45
CA ILE A 251 17.99 -31.09 7.01
C ILE A 251 17.34 -32.23 6.20
N GLN A 252 17.13 -32.04 4.88
CA GLN A 252 16.68 -33.15 3.99
C GLN A 252 17.71 -33.32 2.87
N ASP A 253 18.22 -34.52 2.60
CA ASP A 253 19.10 -34.74 1.44
C ASP A 253 18.28 -34.66 0.14
N ASN A 254 17.17 -35.40 0.07
CA ASN A 254 16.26 -35.39 -1.08
C ASN A 254 14.92 -35.94 -0.61
N SER A 255 14.70 -37.24 -0.81
CA SER A 255 13.50 -37.94 -0.41
C SER A 255 13.39 -38.11 1.11
N ASP A 256 14.53 -38.28 1.79
CA ASP A 256 14.53 -38.56 3.26
C ASP A 256 15.10 -37.41 4.03
N ILE A 257 14.44 -37.04 5.14
CA ILE A 257 14.84 -35.90 5.96
C ILE A 257 15.24 -36.39 7.35
N LYS A 258 16.45 -36.03 7.81
CA LYS A 258 16.96 -36.44 9.13
C LYS A 258 17.55 -35.21 9.83
N VAL A 259 17.59 -35.24 11.17
CA VAL A 259 18.15 -34.13 11.99
C VAL A 259 19.23 -34.73 12.89
N VAL A 260 20.38 -34.03 13.04
CA VAL A 260 21.49 -34.57 13.84
C VAL A 260 22.13 -33.52 14.76
N PRO A 261 22.86 -33.96 15.84
CA PRO A 261 23.53 -33.08 16.82
C PRO A 261 24.75 -32.48 16.12
N ARG A 262 25.27 -31.35 16.61
CA ARG A 262 26.36 -30.62 15.94
C ARG A 262 27.61 -31.45 15.74
N ARG A 263 27.92 -32.35 16.68
CA ARG A 263 29.14 -33.14 16.56
C ARG A 263 29.04 -34.10 15.39
N LYS A 264 27.82 -34.55 15.07
CA LYS A 264 27.58 -35.51 14.00
C LYS A 264 27.78 -34.94 12.61
N ALA A 265 27.58 -33.62 12.47
CA ALA A 265 27.63 -32.95 11.17
C ALA A 265 28.27 -31.56 11.21
N LYS A 266 28.74 -31.06 10.06
CA LYS A 266 29.34 -29.71 9.97
C LYS A 266 28.70 -28.97 8.81
N ILE A 267 28.54 -27.64 8.97
CA ILE A 267 27.89 -26.77 7.96
C ILE A 267 28.87 -25.70 7.52
N ILE A 268 29.29 -25.69 6.25
CA ILE A 268 30.31 -24.74 5.78
C ILE A 268 29.77 -23.35 6.04
N ARG A 269 30.65 -22.35 6.23
CA ARG A 269 30.18 -21.02 6.56
C ARG A 269 29.63 -20.26 5.33
N ASP A 270 30.48 -20.00 4.31
CA ASP A 270 30.04 -19.35 3.04
C ASP A 270 30.68 -20.02 1.81
N TYR A 271 30.20 -19.70 0.59
CA TYR A 271 30.88 -20.15 -0.66
C TYR A 271 30.74 -18.92 -1.60
N GLY A 272 31.60 -18.76 -2.62
CA GLY A 272 31.54 -17.55 -3.44
C GLY A 272 30.89 -17.77 -4.80
N LYS A 273 29.81 -17.03 -5.07
CA LYS A 273 29.08 -17.13 -6.35
C LYS A 273 28.21 -15.87 -6.49
N GLN A 274 27.77 -15.52 -7.72
CA GLN A 274 26.87 -14.38 -7.93
C GLN A 274 27.56 -13.04 -8.00
N MET A 275 28.89 -13.03 -8.08
CA MET A 275 29.66 -11.78 -8.19
C MET A 275 29.54 -10.98 -6.92
N CYS B 56 -4.79 9.35 12.04
CA CYS B 56 -4.04 10.37 12.83
C CYS B 56 -2.78 10.70 12.07
N SER B 57 -1.64 10.58 12.74
CA SER B 57 -0.35 10.90 12.09
C SER B 57 -0.23 9.97 10.85
N PRO B 58 -0.70 8.68 10.92
CA PRO B 58 -0.62 7.86 9.70
C PRO B 58 -1.42 8.51 8.63
N GLY B 59 -2.56 9.11 8.99
CA GLY B 59 -3.42 9.76 7.99
C GLY B 59 -2.79 10.96 7.33
N ILE B 60 -2.03 11.76 8.10
CA ILE B 60 -1.49 13.02 7.55
C ILE B 60 -0.48 12.87 6.43
N TRP B 61 -0.49 13.82 5.47
CA TRP B 61 0.47 13.89 4.33
C TRP B 61 0.86 15.35 4.29
N GLN B 62 2.05 15.66 3.76
CA GLN B 62 2.53 17.05 3.68
C GLN B 62 2.55 17.48 2.25
N LEU B 63 1.92 18.62 1.94
CA LEU B 63 1.83 19.12 0.58
C LEU B 63 2.56 20.44 0.41
N ASP B 64 3.40 20.56 -0.66
CA ASP B 64 4.17 21.80 -0.92
C ASP B 64 4.19 22.14 -2.38
N CYS B 65 4.41 23.43 -2.70
CA CYS B 65 4.57 23.88 -4.09
C CYS B 65 5.85 24.76 -4.08
N THR B 66 6.80 24.48 -4.99
CA THR B 66 8.05 25.24 -5.13
C THR B 66 8.11 25.67 -6.55
N HIS B 67 8.86 26.74 -6.90
CA HIS B 67 8.88 27.23 -8.29
C HIS B 67 10.12 26.81 -9.05
N LEU B 68 9.93 26.17 -10.21
CA LEU B 68 11.05 25.81 -11.07
C LEU B 68 10.82 26.33 -12.46
N GLU B 69 11.83 27.00 -13.10
CA GLU B 69 11.67 27.50 -14.47
C GLU B 69 10.40 28.32 -14.50
N GLY B 70 10.16 29.10 -13.43
CA GLY B 70 8.92 29.83 -13.34
C GLY B 70 7.79 28.90 -12.94
N LYS B 71 7.65 27.78 -13.66
CA LYS B 71 6.56 26.79 -13.45
C LYS B 71 6.70 26.30 -12.03
N VAL B 72 5.58 26.06 -11.31
CA VAL B 72 5.64 25.68 -9.89
C VAL B 72 5.24 24.24 -9.74
N ILE B 73 6.10 23.45 -9.08
CA ILE B 73 5.92 22.03 -8.87
C ILE B 73 4.84 21.73 -7.83
N LEU B 74 4.16 20.58 -7.92
CA LEU B 74 3.18 20.18 -6.92
C LEU B 74 3.81 19.02 -6.16
N VAL B 75 3.87 19.13 -4.84
CA VAL B 75 4.58 18.16 -3.97
C VAL B 75 3.59 17.55 -2.98
N ALA B 76 3.56 16.21 -2.84
CA ALA B 76 2.68 15.52 -1.96
C ALA B 76 3.44 14.50 -1.08
N VAL B 77 4.12 14.98 -0.04
CA VAL B 77 4.90 14.21 0.92
C VAL B 77 4.00 13.38 1.84
N HIS B 78 4.48 12.22 2.31
CA HIS B 78 3.73 11.41 3.30
C HIS B 78 4.53 11.60 4.62
N VAL B 79 3.85 12.04 5.64
CA VAL B 79 4.52 12.45 6.87
C VAL B 79 5.44 11.44 7.50
N ALA B 80 5.04 10.17 7.61
CA ALA B 80 5.95 9.20 8.18
C ALA B 80 6.60 8.36 7.11
N SER B 81 5.78 7.85 6.16
CA SER B 81 6.30 6.99 5.12
C SER B 81 7.23 7.77 4.23
N GLY B 82 6.89 9.04 4.02
CA GLY B 82 7.69 9.90 3.20
C GLY B 82 7.40 9.63 1.75
N TYR B 83 6.46 8.72 1.43
CA TYR B 83 6.22 8.47 -0.01
C TYR B 83 5.75 9.82 -0.44
N ILE B 84 6.19 10.24 -1.63
CA ILE B 84 5.84 11.55 -2.11
C ILE B 84 5.26 11.42 -3.50
N GLU B 85 4.17 12.14 -3.78
CA GLU B 85 3.64 12.18 -5.13
C GLU B 85 3.77 13.65 -5.47
N ALA B 86 4.30 13.98 -6.64
CA ALA B 86 4.40 15.34 -7.07
C ALA B 86 3.90 15.44 -8.48
N GLU B 87 3.37 16.52 -8.91
CA GLU B 87 2.86 16.60 -10.27
C GLU B 87 3.18 17.95 -10.85
N VAL B 88 3.27 18.00 -12.17
CA VAL B 88 3.65 19.24 -12.86
C VAL B 88 2.39 19.75 -13.54
N ILE B 89 2.06 21.02 -13.29
CA ILE B 89 0.87 21.69 -13.83
C ILE B 89 1.49 22.81 -14.63
N PRO B 90 1.03 23.04 -15.87
CA PRO B 90 1.64 24.13 -16.65
C PRO B 90 1.55 25.40 -15.84
N ALA B 91 0.44 25.63 -15.17
CA ALA B 91 0.31 26.79 -14.28
C ALA B 91 -0.18 26.32 -12.90
N GLU B 92 0.43 26.80 -11.78
CA GLU B 92 -0.04 26.45 -10.45
C GLU B 92 -1.35 27.28 -10.21
N THR B 93 -2.40 26.67 -9.66
CA THR B 93 -3.63 27.38 -9.30
C THR B 93 -4.27 26.57 -8.18
N GLY B 94 -5.21 27.19 -7.47
CA GLY B 94 -5.92 26.44 -6.49
C GLY B 94 -6.62 25.36 -7.30
N GLN B 95 -7.09 25.74 -8.51
CA GLN B 95 -7.82 24.83 -9.41
C GLN B 95 -7.04 23.61 -9.73
N GLU B 96 -5.77 23.85 -10.07
CA GLU B 96 -4.91 22.77 -10.42
C GLU B 96 -4.69 21.93 -9.16
N THR B 97 -4.54 22.60 -8.00
CA THR B 97 -4.20 21.92 -6.75
C THR B 97 -5.19 20.84 -6.45
N ALA B 98 -6.45 21.19 -6.66
CA ALA B 98 -7.52 20.28 -6.33
C ALA B 98 -7.37 19.00 -7.12
N TYR B 99 -7.05 19.11 -8.42
CA TYR B 99 -7.07 17.92 -9.27
C TYR B 99 -6.17 16.87 -8.67
N PHE B 100 -5.02 17.32 -8.17
CA PHE B 100 -4.04 16.42 -7.53
C PHE B 100 -4.65 15.78 -6.31
N LEU B 101 -5.28 16.62 -5.45
CA LEU B 101 -5.81 16.11 -4.22
C LEU B 101 -6.75 14.95 -4.42
N LEU B 102 -7.61 15.04 -5.44
CA LEU B 102 -8.59 14.01 -5.64
C LEU B 102 -7.88 12.72 -5.85
N LYS B 103 -6.83 12.81 -6.64
CA LYS B 103 -6.07 11.60 -6.87
C LYS B 103 -5.40 11.24 -5.57
N LEU B 104 -4.96 12.25 -4.81
CA LEU B 104 -4.18 11.99 -3.60
C LEU B 104 -4.96 11.20 -2.60
N ALA B 105 -6.21 11.61 -2.41
CA ALA B 105 -7.03 10.89 -1.48
C ALA B 105 -7.20 9.53 -2.10
N GLY B 106 -7.29 9.51 -3.44
CA GLY B 106 -7.54 8.28 -4.12
C GLY B 106 -6.43 7.30 -3.89
N ARG B 107 -5.17 7.75 -3.90
CA ARG B 107 -4.14 6.74 -3.66
C ARG B 107 -4.25 6.25 -2.22
N TRP B 108 -4.46 7.16 -1.26
CA TRP B 108 -4.65 6.76 0.13
C TRP B 108 -5.46 7.80 0.91
N PRO B 109 -6.06 7.38 2.03
CA PRO B 109 -6.89 8.31 2.79
C PRO B 109 -5.94 9.27 3.60
N VAL B 110 -6.30 10.55 3.66
CA VAL B 110 -5.53 11.39 4.63
C VAL B 110 -6.50 12.09 5.56
N LYS B 111 -6.37 11.95 6.89
CA LYS B 111 -7.24 12.69 7.75
C LYS B 111 -6.96 14.20 7.62
N THR B 112 -5.66 14.61 7.62
CA THR B 112 -5.33 16.01 7.53
C THR B 112 -4.08 16.23 6.65
N VAL B 113 -3.96 17.38 5.97
CA VAL B 113 -2.80 17.70 5.10
C VAL B 113 -2.28 19.06 5.50
N HIS B 114 -0.96 19.30 5.32
CA HIS B 114 -0.38 20.53 5.80
C HIS B 114 0.29 21.47 4.74
N THR B 115 0.01 22.78 4.91
CA THR B 115 0.61 23.85 4.09
C THR B 115 0.82 24.99 5.12
N ASP B 116 1.97 25.66 5.13
CA ASP B 116 2.24 26.69 6.15
C ASP B 116 1.38 27.93 5.91
N ASN B 117 1.15 28.34 4.63
CA ASN B 117 0.35 29.48 4.31
C ASN B 117 -0.70 29.05 3.31
N GLY B 118 -1.84 29.77 3.29
CA GLY B 118 -2.95 29.42 2.43
C GLY B 118 -3.19 30.46 1.34
N SER B 119 -2.72 30.18 0.14
CA SER B 119 -2.95 31.05 -1.01
C SER B 119 -3.95 30.32 -1.92
N ASN B 120 -3.82 29.00 -2.01
CA ASN B 120 -4.71 28.15 -2.79
C ASN B 120 -5.61 27.27 -1.93
N PHE B 121 -5.16 26.89 -0.72
CA PHE B 121 -5.90 26.04 0.21
C PHE B 121 -7.12 26.79 0.74
N THR B 122 -6.90 28.08 0.98
CA THR B 122 -7.95 28.91 1.52
C THR B 122 -9.01 28.95 0.45
N SER B 123 -8.56 28.81 -0.82
CA SER B 123 -9.52 28.90 -1.92
C SER B 123 -10.51 27.82 -1.73
N THR B 124 -11.78 28.18 -1.96
CA THR B 124 -12.85 27.31 -1.69
C THR B 124 -12.76 26.03 -2.44
N THR B 125 -12.37 26.05 -3.73
CA THR B 125 -12.43 24.82 -4.51
C THR B 125 -11.56 23.83 -3.80
N VAL B 126 -10.45 24.30 -3.26
CA VAL B 126 -9.58 23.41 -2.52
C VAL B 126 -10.24 22.97 -1.19
N LYS B 127 -10.83 23.89 -0.46
CA LYS B 127 -11.37 23.50 0.84
C LYS B 127 -12.43 22.44 0.55
N ALA B 128 -13.24 22.71 -0.48
CA ALA B 128 -14.35 21.87 -0.87
C ALA B 128 -13.92 20.49 -1.25
N ALA B 129 -12.81 20.45 -2.00
CA ALA B 129 -12.38 19.20 -2.51
C ALA B 129 -12.10 18.37 -1.27
N CYS B 130 -11.51 18.99 -0.27
CA CYS B 130 -11.10 18.29 0.94
C CYS B 130 -12.31 17.62 1.55
N TRP B 131 -13.47 18.29 1.48
CA TRP B 131 -14.66 17.73 2.08
C TRP B 131 -15.13 16.51 1.37
N TRP B 132 -14.98 16.41 0.02
CA TRP B 132 -15.55 15.24 -0.64
C TRP B 132 -14.74 14.10 -0.20
N ALA B 133 -13.43 14.26 -0.08
CA ALA B 133 -12.53 13.26 0.44
C ALA B 133 -12.83 13.09 1.90
N GLY B 134 -13.22 14.19 2.54
CA GLY B 134 -13.42 14.18 3.96
C GLY B 134 -12.08 14.40 4.59
N ILE B 135 -11.06 14.65 3.78
CA ILE B 135 -9.75 14.94 4.34
C ILE B 135 -10.03 16.31 4.94
N LYS B 136 -9.43 16.59 6.10
CA LYS B 136 -9.70 17.85 6.78
C LYS B 136 -8.39 18.59 6.75
N GLN B 137 -8.41 19.83 6.24
CA GLN B 137 -7.14 20.54 6.11
C GLN B 137 -6.57 20.77 7.49
N GLU B 138 -5.24 20.70 7.63
CA GLU B 138 -4.58 20.95 8.91
C GLU B 138 -5.40 21.98 9.68
N ASN B 144 5.66 18.80 16.98
CA ASN B 144 6.79 17.87 16.80
C ASN B 144 7.81 18.52 15.86
N PRO B 145 8.89 19.10 16.41
CA PRO B 145 9.91 19.75 15.58
C PRO B 145 10.58 18.85 14.60
N GLN B 146 10.82 17.58 14.97
CA GLN B 146 11.54 16.66 14.10
C GLN B 146 10.74 16.47 12.83
N SER B 147 9.43 16.20 12.98
CA SER B 147 8.55 16.08 11.83
C SER B 147 8.60 17.38 11.04
N GLN B 148 8.58 18.52 11.75
CA GLN B 148 8.59 19.83 11.12
C GLN B 148 9.84 20.02 10.26
N GLY B 149 11.00 19.58 10.77
CA GLY B 149 12.25 19.75 10.06
C GLY B 149 12.34 19.05 8.73
N VAL B 150 11.77 17.84 8.64
CA VAL B 150 11.88 17.02 7.44
C VAL B 150 11.25 17.58 6.19
N ILE B 151 10.14 18.32 6.35
CA ILE B 151 9.40 18.79 5.16
C ILE B 151 10.17 19.75 4.26
N GLU B 152 10.72 20.83 4.86
CA GLU B 152 11.40 21.78 3.99
C GLU B 152 12.49 21.02 3.31
N SER B 153 13.15 20.15 4.12
CA SER B 153 14.25 19.35 3.61
C SER B 153 13.76 18.41 2.54
N MET B 154 12.53 17.91 2.72
CA MET B 154 11.98 16.95 1.78
C MET B 154 11.87 17.67 0.47
N ASN B 155 11.34 18.90 0.52
CA ASN B 155 11.23 19.66 -0.73
C ASN B 155 12.58 19.87 -1.33
N LYS B 156 13.56 20.20 -0.46
CA LYS B 156 14.92 20.49 -0.92
C LYS B 156 15.62 19.32 -1.62
N GLU B 157 15.46 18.13 -1.01
CA GLU B 157 16.19 16.95 -1.49
C GLU B 157 15.88 16.55 -2.91
N LEU B 158 14.57 16.59 -3.27
CA LEU B 158 14.17 16.13 -4.59
C LEU B 158 14.79 16.99 -5.64
N LYS B 159 14.93 18.29 -5.38
CA LYS B 159 15.47 19.17 -6.37
C LYS B 159 16.87 18.72 -6.66
N LYS B 160 17.60 18.41 -5.59
CA LYS B 160 18.99 17.97 -5.78
C LYS B 160 18.95 16.72 -6.65
N ILE B 161 17.99 15.83 -6.33
CA ILE B 161 17.85 14.60 -7.09
C ILE B 161 17.49 14.97 -8.52
N ILE B 162 16.59 15.94 -8.65
CA ILE B 162 16.08 16.34 -9.93
C ILE B 162 17.18 16.82 -10.89
N GLY B 163 18.12 17.56 -10.30
CA GLY B 163 19.17 18.14 -11.13
C GLY B 163 19.95 17.09 -11.84
N GLN B 164 20.23 15.98 -11.12
CA GLN B 164 21.07 14.94 -11.68
C GLN B 164 20.56 14.39 -12.99
N VAL B 165 19.24 14.17 -13.07
CA VAL B 165 18.68 13.58 -14.27
C VAL B 165 18.14 14.64 -15.20
N ARG B 166 18.39 15.92 -14.90
CA ARG B 166 17.80 16.97 -15.72
C ARG B 166 18.41 16.86 -17.08
N ASP B 167 19.72 16.61 -17.08
CA ASP B 167 20.46 16.46 -18.34
C ASP B 167 19.87 15.20 -18.95
N GLN B 168 19.36 14.33 -18.08
CA GLN B 168 18.79 13.07 -18.51
C GLN B 168 17.48 13.25 -19.22
N ALA B 169 16.75 14.31 -18.86
CA ALA B 169 15.41 14.54 -19.42
C ALA B 169 15.17 15.78 -20.27
N GLU B 170 14.54 15.61 -21.46
CA GLU B 170 14.15 16.72 -22.33
C GLU B 170 13.21 17.65 -21.61
N HIS B 171 12.22 17.07 -20.93
CA HIS B 171 11.17 17.84 -20.30
C HIS B 171 11.38 17.80 -18.83
N LEU B 172 11.37 18.98 -18.17
CA LEU B 172 11.68 19.03 -16.75
C LEU B 172 10.71 18.16 -16.01
N LYS B 173 9.44 18.23 -16.43
CA LYS B 173 8.41 17.45 -15.81
C LYS B 173 8.72 15.98 -15.97
N THR B 174 9.22 15.60 -17.15
CA THR B 174 9.45 14.20 -17.40
C THR B 174 10.44 13.77 -16.37
N ALA B 175 11.39 14.66 -16.11
CA ALA B 175 12.44 14.42 -15.14
C ALA B 175 11.99 14.28 -13.71
N VAL B 176 11.09 15.17 -13.27
CA VAL B 176 10.75 15.20 -11.86
C VAL B 176 10.16 13.89 -11.39
N GLN B 177 9.31 13.27 -12.23
CA GLN B 177 8.65 12.04 -11.83
C GLN B 177 9.71 10.99 -11.63
N MET B 178 10.71 11.02 -12.54
CA MET B 178 11.78 10.08 -12.45
C MET B 178 12.46 10.36 -11.12
N ALA B 179 12.57 11.65 -10.80
CA ALA B 179 13.26 12.05 -9.57
C ALA B 179 12.50 11.40 -8.44
N VAL B 180 11.18 11.49 -8.49
CA VAL B 180 10.34 10.88 -7.49
C VAL B 180 10.45 9.36 -7.48
N PHE B 181 10.60 8.73 -8.66
CA PHE B 181 10.60 7.25 -8.71
C PHE B 181 11.71 6.74 -7.90
N ILE B 182 12.81 7.46 -8.04
CA ILE B 182 13.99 7.04 -7.33
C ILE B 182 13.79 7.25 -5.85
N HIS B 183 13.16 8.37 -5.47
CA HIS B 183 13.08 8.70 -4.08
C HIS B 183 12.27 7.69 -3.34
N ASN B 184 11.23 7.17 -3.98
CA ASN B 184 10.46 6.13 -3.33
C ASN B 184 11.29 4.85 -3.32
N HIS B 185 11.93 4.55 -4.45
CA HIS B 185 12.72 3.36 -4.57
C HIS B 185 14.04 3.25 -3.78
N LYS B 186 14.76 4.36 -3.58
CA LYS B 186 16.08 4.34 -2.91
C LYS B 186 16.09 3.98 -1.44
N ARG B 187 17.00 3.07 -1.03
CA ARG B 187 17.09 2.61 0.37
C ARG B 187 17.88 3.62 1.21
N ILE B 191 22.10 -1.54 8.28
CA ILE B 191 21.27 -1.36 7.08
C ILE B 191 19.83 -1.20 7.55
N GLY B 192 19.29 0.03 7.47
CA GLY B 192 17.95 0.29 7.95
C GLY B 192 16.93 0.72 6.91
N GLY B 193 15.74 0.10 6.95
CA GLY B 193 14.64 0.47 6.08
C GLY B 193 14.60 -0.27 4.78
N TYR B 194 13.45 -0.21 4.08
CA TYR B 194 13.30 -0.81 2.76
C TYR B 194 13.03 0.33 1.75
N SER B 195 13.28 1.58 2.21
CA SER B 195 13.03 2.85 1.47
C SER B 195 11.67 3.37 1.91
N ALA B 196 11.46 4.70 1.85
CA ALA B 196 10.26 5.32 2.37
C ALA B 196 8.97 4.81 1.76
N GLY B 197 9.04 4.53 0.43
CA GLY B 197 7.88 4.09 -0.32
C GLY B 197 7.40 2.75 0.21
N GLU B 198 8.37 1.86 0.47
CA GLU B 198 8.04 0.56 0.96
C GLU B 198 7.36 0.79 2.30
N ARG B 199 7.87 1.78 3.04
CA ARG B 199 7.36 2.03 4.37
C ARG B 199 5.90 2.34 4.36
N ILE B 200 5.46 3.11 3.33
CA ILE B 200 4.06 3.51 3.38
C ILE B 200 3.20 2.29 3.31
N VAL B 201 3.57 1.33 2.47
CA VAL B 201 2.66 0.21 2.33
C VAL B 201 2.49 -0.44 3.68
N ASP B 202 3.61 -0.60 4.39
CA ASP B 202 3.57 -1.16 5.73
C ASP B 202 2.87 -0.39 6.74
N ILE B 203 3.14 0.91 6.74
CA ILE B 203 2.58 1.72 7.81
C ILE B 203 1.10 1.60 7.65
N ILE B 204 0.69 1.60 6.39
CA ILE B 204 -0.71 1.55 6.06
C ILE B 204 -1.23 0.22 6.53
N ALA B 205 -0.46 -0.81 6.27
CA ALA B 205 -0.93 -2.13 6.56
C ALA B 205 -1.22 -2.31 8.02
N THR B 206 -0.29 -1.84 8.84
CA THR B 206 -0.44 -2.04 10.25
C THR B 206 -1.72 -1.32 10.67
N ASP B 207 -1.90 -0.12 10.09
CA ASP B 207 -3.06 0.69 10.44
C ASP B 207 -4.33 -0.01 10.03
N ILE B 208 -4.28 -0.71 8.89
CA ILE B 208 -5.49 -1.30 8.36
C ILE B 208 -5.98 -2.30 9.36
N GLN B 209 -5.04 -3.09 9.88
CA GLN B 209 -5.43 -4.11 10.81
C GLN B 209 -5.99 -3.42 12.00
N THR B 210 -5.35 -2.33 12.36
CA THR B 210 -5.71 -1.63 13.56
C THR B 210 -7.12 -1.18 13.51
N LYS B 211 -7.49 -0.60 12.40
CA LYS B 211 -8.80 -0.02 12.37
C LYS B 211 -9.86 -1.07 12.51
N GLU B 212 -9.65 -2.24 11.89
CA GLU B 212 -10.71 -3.25 11.92
C GLU B 212 -10.75 -3.78 13.30
N LEU B 213 -9.57 -3.86 13.91
CA LEU B 213 -9.46 -4.39 15.22
C LEU B 213 -10.14 -3.43 16.17
N GLN B 214 -9.94 -2.13 15.94
CA GLN B 214 -10.49 -1.16 16.84
C GLN B 214 -11.97 -1.37 16.75
N LYS B 215 -12.43 -1.57 15.52
CA LYS B 215 -13.84 -1.73 15.30
C LYS B 215 -14.29 -2.95 16.10
N GLN B 216 -13.46 -4.01 16.09
CA GLN B 216 -13.82 -5.22 16.79
C GLN B 216 -13.93 -4.86 18.23
N ILE B 217 -13.02 -4.02 18.67
CA ILE B 217 -12.96 -3.66 20.05
C ILE B 217 -14.23 -2.95 20.41
N THR B 218 -14.62 -2.03 19.52
CA THR B 218 -15.77 -1.23 19.80
C THR B 218 -16.96 -2.15 19.95
N LYS B 219 -17.03 -3.16 19.07
CA LYS B 219 -18.17 -4.06 19.08
C LYS B 219 -18.22 -4.72 20.44
N ILE B 220 -17.06 -5.16 20.92
CA ILE B 220 -16.97 -5.85 22.19
C ILE B 220 -17.39 -4.92 23.31
N GLN B 221 -16.97 -3.65 23.23
CA GLN B 221 -17.23 -2.71 24.30
C GLN B 221 -18.71 -2.62 24.65
N ASN B 222 -19.58 -2.60 23.64
CA ASN B 222 -20.99 -2.41 23.89
C ASN B 222 -21.61 -3.42 24.83
N PHE B 223 -21.38 -4.72 24.57
CA PHE B 223 -22.04 -5.78 25.35
C PHE B 223 -21.80 -5.61 26.85
N ARG B 224 -22.79 -5.94 27.69
CA ARG B 224 -22.64 -5.84 29.16
C ARG B 224 -22.74 -7.25 29.84
N VAL B 225 -21.76 -7.61 30.69
CA VAL B 225 -21.66 -8.91 31.40
C VAL B 225 -22.54 -9.15 32.64
N TYR B 226 -23.04 -10.40 32.83
CA TYR B 226 -23.71 -10.79 34.10
C TYR B 226 -22.84 -11.90 34.70
N TYR B 227 -22.38 -11.78 35.96
CA TYR B 227 -21.47 -12.80 36.54
C TYR B 227 -21.95 -13.46 37.82
N ARG B 228 -21.80 -14.80 37.94
CA ARG B 228 -22.07 -15.48 39.22
C ARG B 228 -20.93 -15.34 40.25
N ASP B 229 -19.66 -15.46 39.81
CA ASP B 229 -18.46 -15.50 40.70
C ASP B 229 -18.63 -16.81 41.51
N SER B 230 -18.62 -16.76 42.85
CA SER B 230 -18.90 -17.98 43.64
C SER B 230 -20.39 -18.26 43.41
N ARG B 231 -20.86 -19.48 43.63
CA ARG B 231 -22.27 -19.78 43.35
C ARG B 231 -23.19 -19.18 44.39
N ASP B 232 -22.67 -18.91 45.60
CA ASP B 232 -23.40 -18.29 46.67
C ASP B 232 -23.57 -16.75 46.75
N PRO B 233 -22.49 -15.96 46.49
CA PRO B 233 -22.51 -14.47 46.51
C PRO B 233 -23.44 -13.53 45.88
N VAL B 234 -23.73 -12.41 46.56
CA VAL B 234 -24.58 -11.34 46.01
C VAL B 234 -23.86 -10.71 44.82
N TRP B 235 -24.64 -10.29 43.81
CA TRP B 235 -24.11 -9.74 42.55
C TRP B 235 -23.56 -8.33 42.69
N LYS B 236 -22.66 -7.93 41.76
CA LYS B 236 -21.98 -6.60 41.75
C LYS B 236 -22.19 -6.06 40.35
N GLY B 237 -22.09 -4.73 40.16
CA GLY B 237 -22.44 -4.05 38.88
C GLY B 237 -21.74 -4.66 37.68
N PRO B 238 -22.42 -4.75 36.51
CA PRO B 238 -21.88 -5.30 35.25
C PRO B 238 -20.65 -4.75 34.62
N ALA B 239 -19.82 -5.58 33.97
CA ALA B 239 -18.57 -5.14 33.31
C ALA B 239 -18.53 -5.58 31.86
N LYS B 240 -17.63 -4.98 31.08
CA LYS B 240 -17.49 -5.24 29.64
C LYS B 240 -16.82 -6.57 29.45
N LEU B 241 -17.00 -7.20 28.29
CA LEU B 241 -16.42 -8.51 28.02
C LEU B 241 -15.28 -8.38 27.06
N LEU B 242 -14.08 -8.75 27.51
CA LEU B 242 -12.89 -8.72 26.69
C LEU B 242 -12.89 -9.84 25.64
N TRP B 243 -13.25 -11.07 26.04
CA TRP B 243 -13.20 -12.20 25.10
C TRP B 243 -14.16 -13.31 25.44
N LYS B 244 -14.66 -13.99 24.39
CA LYS B 244 -15.59 -15.09 24.56
C LYS B 244 -15.01 -16.40 24.04
N GLY B 245 -15.08 -17.47 24.86
CA GLY B 245 -14.68 -18.81 24.45
C GLY B 245 -15.87 -19.66 24.87
N GLU B 246 -16.08 -20.87 24.36
CA GLU B 246 -17.28 -21.56 24.82
C GLU B 246 -16.98 -21.95 26.23
N GLY B 247 -17.93 -21.65 27.15
CA GLY B 247 -17.78 -21.96 28.54
C GLY B 247 -16.79 -20.98 29.08
N ALA B 248 -16.42 -20.01 28.25
CA ALA B 248 -15.39 -19.07 28.59
C ALA B 248 -15.77 -17.62 28.40
N VAL B 249 -15.47 -16.78 29.39
CA VAL B 249 -15.69 -15.35 29.18
C VAL B 249 -14.60 -14.59 29.90
N VAL B 250 -14.16 -13.44 29.35
CA VAL B 250 -13.16 -12.61 30.01
C VAL B 250 -13.79 -11.25 30.21
N ILE B 251 -13.78 -10.70 31.45
CA ILE B 251 -14.33 -9.35 31.67
C ILE B 251 -13.53 -8.63 32.76
N GLN B 252 -13.78 -7.34 33.01
CA GLN B 252 -13.12 -6.66 34.14
C GLN B 252 -14.22 -5.97 34.97
N ASP B 253 -14.44 -6.35 36.24
CA ASP B 253 -15.54 -5.72 37.01
C ASP B 253 -15.29 -4.24 37.18
N ASN B 254 -14.09 -3.86 37.65
CA ASN B 254 -13.70 -2.44 37.70
C ASN B 254 -12.34 -2.39 37.02
N SER B 255 -11.28 -2.68 37.77
CA SER B 255 -9.96 -2.79 37.19
C SER B 255 -9.52 -4.24 37.33
N ASP B 256 -10.24 -5.00 38.17
CA ASP B 256 -9.87 -6.40 38.39
C ASP B 256 -10.32 -7.23 37.20
N ILE B 257 -9.47 -8.16 36.73
CA ILE B 257 -9.79 -9.01 35.59
C ILE B 257 -10.05 -10.43 36.07
N LYS B 258 -11.16 -11.05 35.60
CA LYS B 258 -11.53 -12.42 36.00
C LYS B 258 -12.12 -13.13 34.78
N VAL B 259 -11.97 -14.47 34.72
CA VAL B 259 -12.51 -15.28 33.61
C VAL B 259 -13.57 -16.18 34.21
N VAL B 260 -14.69 -16.43 33.50
CA VAL B 260 -15.78 -17.22 34.06
C VAL B 260 -16.49 -18.12 33.07
N PRO B 261 -17.06 -19.23 33.57
CA PRO B 261 -17.80 -20.23 32.75
C PRO B 261 -19.13 -19.70 32.26
N ARG B 262 -19.63 -20.28 31.17
CA ARG B 262 -20.88 -19.85 30.55
C ARG B 262 -22.07 -19.95 31.48
N ARG B 263 -22.26 -21.11 32.11
CA ARG B 263 -23.45 -21.30 32.93
C ARG B 263 -23.41 -20.29 34.04
N LYS B 264 -22.19 -19.91 34.41
CA LYS B 264 -22.00 -18.93 35.44
C LYS B 264 -22.46 -17.56 35.00
N ALA B 265 -22.11 -17.16 33.78
CA ALA B 265 -22.38 -15.81 33.32
C ALA B 265 -23.19 -15.69 32.06
N LYS B 266 -24.13 -14.74 32.04
CA LYS B 266 -24.93 -14.55 30.84
C LYS B 266 -24.42 -13.27 30.19
N ILE B 267 -24.44 -13.25 28.85
CA ILE B 267 -23.91 -12.14 28.08
C ILE B 267 -25.05 -11.46 27.35
N ILE B 268 -25.28 -10.18 27.63
CA ILE B 268 -26.40 -9.44 27.07
C ILE B 268 -26.02 -8.61 25.85
N ARG B 269 -26.88 -8.54 24.82
CA ARG B 269 -26.58 -7.71 23.66
C ARG B 269 -26.80 -6.27 24.12
N ASP B 270 -25.93 -5.34 23.74
CA ASP B 270 -26.08 -4.00 24.26
C ASP B 270 -27.16 -3.20 23.58
N TYR B 271 -27.49 -3.48 22.32
CA TYR B 271 -28.41 -2.59 21.62
C TYR B 271 -29.63 -3.11 20.89
N GLY B 272 -30.81 -2.96 21.49
CA GLY B 272 -32.02 -3.25 20.74
C GLY B 272 -32.23 -1.94 19.97
N LYS B 273 -32.96 -1.95 18.84
CA LYS B 273 -33.24 -0.71 18.09
C LYS B 273 -32.11 -0.26 17.22
N GLN B 274 -31.02 -1.02 17.17
CA GLN B 274 -29.91 -0.65 16.30
C GLN B 274 -30.52 -0.64 14.89
N MET B 275 -30.04 0.26 14.00
CA MET B 275 -30.58 0.41 12.64
C MET B 275 -30.25 -0.77 11.75
N ALA B 276 -29.11 -1.45 12.01
CA ALA B 276 -28.65 -2.60 11.22
C ALA B 276 -29.78 -3.58 10.93
#